data_4R1T
#
_entry.id   4R1T
#
_cell.length_a   127.844
_cell.length_b   127.844
_cell.length_c   80.016
_cell.angle_alpha   90.00
_cell.angle_beta   90.00
_cell.angle_gamma   120.00
#
_symmetry.space_group_name_H-M   'P 61 2 2'
#
loop_
_entity.id
_entity.type
_entity.pdbx_description
1 polymer 'cinnamoyl CoA reductase'
2 non-polymer 'molecular iodine'
3 water water
#
_entity_poly.entity_id   1
_entity_poly.type   'polypeptide(L)'
_entity_poly.pdbx_seq_one_letter_code
;GSHGMRSVSGQVVCVTGAGGFIASWLVKILLEKGYTVRGTVRNPDDPKNGHLRELEGAKERLTLCKADLLDYQSLREAIN
GCDGVFHTASPVTDDPEQMVEPAVIGTKNVINAAAEANVRRVVFTSSIGAVYMDPNRDPETVVDETCWSDPDFCKNTKNW
YCYGKMVAEQAAWEEAKEKGVDLVVINPVLVQGPLLQTTVNASVLHILKYLTGSAKTYANSVQAYVDVKDVALAHILLYE
TPEASGRYLCAESVLHRGDVVEILSKFFPEYPIPTKCSDVTKPRVKPYKFSNQKLKDLGLEFTPVKQCLYETVKSLQEKG
HLPIPTQKDEPIIRIQP
;
_entity_poly.pdbx_strand_id   A
#
loop_
_chem_comp.id
_chem_comp.type
_chem_comp.name
_chem_comp.formula
I2I non-polymer 'molecular iodine' I2
#
# COMPACT_ATOMS: atom_id res chain seq x y z
N ARG A 6 -9.79 -19.17 -14.82
CA ARG A 6 -9.79 -20.63 -14.79
C ARG A 6 -8.37 -21.18 -14.87
N SER A 7 -7.45 -20.39 -15.43
CA SER A 7 -6.06 -20.78 -15.56
C SER A 7 -5.36 -20.90 -14.21
N VAL A 8 -5.71 -20.01 -13.27
CA VAL A 8 -5.03 -19.95 -11.98
C VAL A 8 -5.71 -20.81 -10.91
N SER A 9 -6.76 -21.54 -11.28
CA SER A 9 -7.39 -22.47 -10.35
C SER A 9 -6.34 -23.43 -9.82
N GLY A 10 -6.33 -23.63 -8.51
CA GLY A 10 -5.39 -24.53 -7.88
C GLY A 10 -4.08 -23.87 -7.51
N GLN A 11 -3.88 -22.62 -7.95
CA GLN A 11 -2.72 -21.83 -7.55
C GLN A 11 -2.96 -21.24 -6.17
N VAL A 12 -1.93 -21.35 -5.32
CA VAL A 12 -2.06 -21.01 -3.90
C VAL A 12 -1.11 -19.89 -3.53
N VAL A 13 -1.64 -18.80 -3.00
CA VAL A 13 -0.79 -17.67 -2.65
C VAL A 13 -1.10 -17.23 -1.23
N CYS A 14 -0.06 -16.73 -0.57
CA CYS A 14 -0.17 -16.18 0.78
C CYS A 14 -0.18 -14.67 0.71
N VAL A 15 -1.07 -14.04 1.48
CA VAL A 15 -1.07 -12.60 1.67
C VAL A 15 -0.88 -12.29 3.16
N THR A 16 0.23 -11.66 3.50
CA THR A 16 0.46 -11.31 4.89
C THR A 16 -0.30 -10.05 5.31
N GLY A 17 -0.74 -10.03 6.56
CA GLY A 17 -1.53 -8.93 7.10
C GLY A 17 -2.78 -8.67 6.29
N ALA A 18 -3.57 -9.71 6.10
CA ALA A 18 -4.70 -9.71 5.15
C ALA A 18 -5.79 -8.70 5.45
N GLY A 19 -5.86 -8.23 6.70
CA GLY A 19 -6.87 -7.26 7.10
C GLY A 19 -6.53 -5.79 6.82
N GLY A 20 -5.32 -5.54 6.32
CA GLY A 20 -4.93 -4.19 5.95
C GLY A 20 -5.71 -3.67 4.76
N PHE A 21 -5.56 -2.39 4.46
CA PHE A 21 -6.34 -1.73 3.39
C PHE A 21 -5.97 -2.30 2.05
N ILE A 22 -4.70 -2.16 1.66
CA ILE A 22 -4.21 -2.75 0.43
C ILE A 22 -4.46 -4.26 0.42
N ALA A 23 -4.11 -4.92 1.52
CA ALA A 23 -4.14 -6.37 1.54
C ALA A 23 -5.57 -6.94 1.37
N SER A 24 -6.55 -6.28 1.96
CA SER A 24 -7.94 -6.74 1.86
C SER A 24 -8.43 -6.68 0.41
N TRP A 25 -8.10 -5.60 -0.29
CA TRP A 25 -8.42 -5.48 -1.71
C TRP A 25 -7.69 -6.51 -2.56
N LEU A 26 -6.44 -6.77 -2.20
CA LEU A 26 -5.65 -7.79 -2.87
C LEU A 26 -6.28 -9.18 -2.71
N VAL A 27 -6.67 -9.53 -1.49
CA VAL A 27 -7.35 -10.80 -1.23
C VAL A 27 -8.66 -10.87 -2.03
N LYS A 28 -9.43 -9.79 -1.99
CA LYS A 28 -10.68 -9.74 -2.73
C LYS A 28 -10.49 -10.09 -4.21
N ILE A 29 -9.52 -9.44 -4.83
CA ILE A 29 -9.34 -9.59 -6.27
C ILE A 29 -8.70 -10.93 -6.61
N LEU A 30 -7.77 -11.39 -5.79
CA LEU A 30 -7.20 -12.71 -5.96
C LEU A 30 -8.29 -13.78 -5.95
N LEU A 31 -9.21 -13.66 -5.01
CA LEU A 31 -10.32 -14.61 -4.90
C LEU A 31 -11.21 -14.56 -6.13
N GLU A 32 -11.48 -13.36 -6.63
CA GLU A 32 -12.27 -13.18 -7.86
C GLU A 32 -11.61 -13.81 -9.09
N LYS A 33 -10.28 -13.75 -9.15
CA LYS A 33 -9.53 -14.32 -10.26
C LYS A 33 -9.34 -15.84 -10.15
N GLY A 34 -9.81 -16.42 -9.05
CA GLY A 34 -9.83 -17.87 -8.89
C GLY A 34 -8.71 -18.45 -8.03
N TYR A 35 -7.93 -17.59 -7.39
CA TYR A 35 -6.83 -18.07 -6.56
C TYR A 35 -7.36 -18.72 -5.27
N THR A 36 -6.56 -19.63 -4.76
CA THR A 36 -6.66 -20.09 -3.39
C THR A 36 -5.74 -19.22 -2.55
N VAL A 37 -6.25 -18.64 -1.47
CA VAL A 37 -5.54 -17.62 -0.73
C VAL A 37 -5.41 -18.03 0.72
N ARG A 38 -4.18 -17.89 1.22
CA ARG A 38 -3.89 -18.06 2.64
C ARG A 38 -3.51 -16.71 3.19
N GLY A 39 -4.42 -16.10 3.95
CA GLY A 39 -4.19 -14.75 4.47
C GLY A 39 -3.76 -14.81 5.91
N THR A 40 -2.69 -14.09 6.27
CA THR A 40 -2.28 -14.07 7.67
C THR A 40 -2.87 -12.88 8.44
N VAL A 41 -3.36 -13.19 9.63
CA VAL A 41 -3.76 -12.17 10.57
C VAL A 41 -3.32 -12.61 11.93
N ARG A 42 -3.18 -11.67 12.85
CA ARG A 42 -2.76 -12.07 14.19
C ARG A 42 -3.81 -12.82 14.98
N ASN A 43 -5.09 -12.55 14.74
CA ASN A 43 -6.14 -13.28 15.41
C ASN A 43 -7.34 -13.51 14.49
N PRO A 44 -7.42 -14.71 13.88
CA PRO A 44 -8.51 -14.93 12.92
C PRO A 44 -9.91 -14.72 13.48
N ASP A 45 -10.13 -15.05 14.73
CA ASP A 45 -11.46 -15.00 15.33
C ASP A 45 -11.87 -13.58 15.69
N ASP A 46 -10.93 -12.65 15.64
CA ASP A 46 -11.22 -11.25 15.88
C ASP A 46 -12.21 -10.73 14.83
N PRO A 47 -13.33 -10.13 15.29
CA PRO A 47 -14.40 -9.57 14.45
C PRO A 47 -13.94 -8.61 13.35
N LYS A 48 -12.79 -7.97 13.52
CA LYS A 48 -12.31 -7.00 12.54
C LYS A 48 -11.83 -7.68 11.25
N ASN A 49 -11.76 -9.01 11.25
CA ASN A 49 -11.40 -9.77 10.05
C ASN A 49 -12.63 -10.36 9.41
N GLY A 50 -13.79 -10.05 9.97
CA GLY A 50 -15.04 -10.58 9.50
C GLY A 50 -15.28 -10.24 8.04
N HIS A 51 -14.83 -9.06 7.63
CA HIS A 51 -15.05 -8.60 6.26
C HIS A 51 -14.36 -9.52 5.27
N LEU A 52 -13.26 -10.14 5.70
CA LEU A 52 -12.53 -11.03 4.82
C LEU A 52 -13.32 -12.32 4.58
N ARG A 53 -13.98 -12.83 5.61
CA ARG A 53 -14.70 -14.10 5.50
C ARG A 53 -15.93 -13.98 4.64
N GLU A 54 -16.36 -12.74 4.41
CA GLU A 54 -17.58 -12.47 3.67
C GLU A 54 -17.31 -12.15 2.20
N LEU A 55 -16.05 -12.08 1.81
CA LEU A 55 -15.68 -11.83 0.42
C LEU A 55 -16.13 -12.97 -0.47
N GLU A 56 -16.53 -12.63 -1.70
CA GLU A 56 -16.83 -13.67 -2.68
C GLU A 56 -15.67 -14.66 -2.83
N GLY A 57 -15.99 -15.94 -2.62
CA GLY A 57 -15.01 -17.00 -2.76
C GLY A 57 -14.29 -17.34 -1.47
N ALA A 58 -14.49 -16.54 -0.44
CA ALA A 58 -13.71 -16.72 0.80
C ALA A 58 -14.04 -18.02 1.54
N LYS A 59 -15.32 -18.37 1.56
CA LYS A 59 -15.73 -19.62 2.21
C LYS A 59 -14.99 -20.80 1.60
N GLU A 60 -14.95 -20.84 0.28
CA GLU A 60 -14.32 -21.95 -0.43
C GLU A 60 -12.81 -21.88 -0.50
N ARG A 61 -12.25 -20.68 -0.61
CA ARG A 61 -10.87 -20.55 -1.01
C ARG A 61 -9.99 -19.61 -0.18
N LEU A 62 -10.51 -19.00 0.88
CA LEU A 62 -9.70 -18.17 1.78
C LEU A 62 -9.50 -18.87 3.12
N THR A 63 -8.24 -19.17 3.41
CA THR A 63 -7.89 -19.73 4.71
C THR A 63 -7.24 -18.60 5.48
N LEU A 64 -7.78 -18.25 6.65
CA LEU A 64 -7.15 -17.24 7.49
C LEU A 64 -6.23 -17.95 8.45
N CYS A 65 -4.95 -17.65 8.34
CA CYS A 65 -3.91 -18.29 9.13
C CYS A 65 -3.48 -17.35 10.26
N LYS A 66 -3.48 -17.86 11.49
CA LYS A 66 -2.97 -17.08 12.59
C LYS A 66 -1.45 -17.01 12.50
N ALA A 67 -0.93 -15.81 12.35
CA ALA A 67 0.51 -15.64 12.32
C ALA A 67 0.90 -14.25 12.76
N ASP A 68 2.12 -14.15 13.23
CA ASP A 68 2.72 -12.91 13.66
C ASP A 68 4.06 -12.78 12.92
N LEU A 69 4.35 -11.60 12.42
CA LEU A 69 5.60 -11.35 11.70
C LEU A 69 6.84 -11.65 12.52
N LEU A 70 6.70 -11.63 13.84
CA LEU A 70 7.82 -11.90 14.71
C LEU A 70 7.93 -13.39 15.05
N ASP A 71 7.06 -14.22 14.47
CA ASP A 71 6.93 -15.65 14.89
C ASP A 71 7.16 -16.48 13.63
N TYR A 72 8.39 -16.95 13.48
CA TYR A 72 8.79 -17.58 12.24
C TYR A 72 7.96 -18.82 11.91
N GLN A 73 7.78 -19.71 12.89
CA GLN A 73 7.01 -20.94 12.65
C GLN A 73 5.59 -20.65 12.17
N SER A 74 4.95 -19.62 12.71
CA SER A 74 3.60 -19.28 12.27
C SER A 74 3.59 -18.87 10.81
N LEU A 75 4.62 -18.14 10.37
CA LEU A 75 4.73 -17.73 8.99
C LEU A 75 5.05 -18.93 8.09
N ARG A 76 5.91 -19.83 8.54
CA ARG A 76 6.22 -21.03 7.75
C ARG A 76 4.96 -21.85 7.51
N GLU A 77 4.11 -21.92 8.53
CA GLU A 77 2.90 -22.72 8.40
C GLU A 77 1.93 -22.12 7.40
N ALA A 78 1.90 -20.80 7.32
CA ALA A 78 1.05 -20.10 6.34
C ALA A 78 1.60 -20.25 4.93
N ILE A 79 2.92 -20.13 4.82
CA ILE A 79 3.58 -20.05 3.52
C ILE A 79 3.85 -21.42 2.88
N ASN A 80 4.09 -22.44 3.71
CA ASN A 80 4.30 -23.79 3.20
C ASN A 80 3.17 -24.19 2.25
N GLY A 81 3.53 -24.68 1.07
CA GLY A 81 2.54 -25.10 0.09
C GLY A 81 2.03 -24.00 -0.83
N CYS A 82 2.60 -22.80 -0.69
CA CYS A 82 2.23 -21.67 -1.55
C CYS A 82 3.13 -21.62 -2.78
N ASP A 83 2.52 -21.21 -3.88
CA ASP A 83 3.25 -20.91 -5.11
C ASP A 83 3.80 -19.48 -5.05
N GLY A 84 3.10 -18.58 -4.36
CA GLY A 84 3.51 -17.21 -4.29
C GLY A 84 3.19 -16.60 -2.95
N VAL A 85 3.90 -15.54 -2.60
CA VAL A 85 3.68 -14.78 -1.38
C VAL A 85 3.63 -13.28 -1.69
N PHE A 86 2.56 -12.62 -1.25
CA PHE A 86 2.44 -11.18 -1.25
C PHE A 86 2.68 -10.71 0.17
N HIS A 87 3.89 -10.21 0.39
CA HIS A 87 4.25 -9.70 1.70
C HIS A 87 3.86 -8.24 1.78
N THR A 88 2.67 -7.99 2.32
CA THR A 88 2.13 -6.65 2.40
C THR A 88 2.21 -5.99 3.76
N ALA A 89 2.57 -6.76 4.78
CA ALA A 89 2.54 -6.26 6.14
C ALA A 89 3.97 -5.85 6.55
N SER A 90 4.33 -4.57 6.47
CA SER A 90 5.62 -4.07 6.98
C SER A 90 5.39 -2.86 7.86
N PRO A 91 4.91 -3.12 9.09
CA PRO A 91 4.46 -2.10 10.02
C PRO A 91 5.56 -1.12 10.36
N VAL A 92 5.39 0.12 9.92
CA VAL A 92 6.29 1.21 10.29
C VAL A 92 5.50 2.33 10.99
N PRO A 96 5.57 6.75 15.81
CA PRO A 96 6.77 6.42 16.59
C PRO A 96 7.85 5.86 15.67
N GLU A 97 9.09 6.00 16.10
CA GLU A 97 10.23 5.30 15.49
C GLU A 97 10.10 3.78 15.72
N GLN A 98 9.03 3.38 16.40
CA GLN A 98 8.80 2.02 16.86
C GLN A 98 8.68 1.04 15.72
N MET A 99 8.28 1.56 14.57
CA MET A 99 7.89 0.75 13.45
C MET A 99 9.08 0.16 12.69
N VAL A 100 10.21 0.84 12.81
CA VAL A 100 11.40 0.52 12.03
C VAL A 100 11.90 -0.89 12.29
N GLU A 101 12.06 -1.26 13.56
CA GLU A 101 12.64 -2.55 13.89
C GLU A 101 11.83 -3.77 13.38
N PRO A 102 10.55 -3.90 13.78
CA PRO A 102 9.75 -5.08 13.33
C PRO A 102 9.48 -5.29 11.83
N ALA A 103 9.41 -4.22 11.05
CA ALA A 103 9.17 -4.43 9.64
C ALA A 103 10.36 -5.20 9.04
N VAL A 104 11.51 -5.05 9.65
CA VAL A 104 12.72 -5.69 9.13
C VAL A 104 12.73 -7.15 9.52
N ILE A 105 12.45 -7.45 10.78
CA ILE A 105 12.36 -8.84 11.24
C ILE A 105 11.33 -9.62 10.45
N GLY A 106 10.15 -9.05 10.24
CA GLY A 106 9.12 -9.76 9.52
C GLY A 106 9.49 -10.05 8.08
N THR A 107 10.09 -9.06 7.45
CA THR A 107 10.51 -9.18 6.07
C THR A 107 11.52 -10.29 5.94
N LYS A 108 12.50 -10.31 6.83
CA LYS A 108 13.45 -11.39 6.79
C LYS A 108 12.80 -12.75 7.01
N ASN A 109 11.91 -12.86 8.00
CA ASN A 109 11.20 -14.10 8.26
C ASN A 109 10.41 -14.58 7.05
N VAL A 110 9.68 -13.67 6.42
CA VAL A 110 8.83 -14.03 5.30
C VAL A 110 9.65 -14.52 4.11
N ILE A 111 10.72 -13.80 3.79
CA ILE A 111 11.58 -14.22 2.70
C ILE A 111 12.24 -15.55 2.98
N ASN A 112 12.76 -15.74 4.20
CA ASN A 112 13.34 -16.98 4.54
C ASN A 112 12.33 -18.14 4.49
N ALA A 113 11.08 -17.91 4.91
CA ALA A 113 10.08 -19.00 4.86
C ALA A 113 9.72 -19.30 3.42
N ALA A 114 9.63 -18.27 2.61
CA ALA A 114 9.37 -18.45 1.19
C ALA A 114 10.47 -19.27 0.54
N ALA A 115 11.71 -18.98 0.88
CA ALA A 115 12.84 -19.73 0.35
C ALA A 115 12.74 -21.20 0.73
N GLU A 116 12.43 -21.49 1.99
CA GLU A 116 12.35 -22.86 2.46
C GLU A 116 11.19 -23.62 1.82
N ALA A 117 10.10 -22.91 1.55
CA ALA A 117 8.92 -23.49 0.91
C ALA A 117 9.02 -23.54 -0.61
N ASN A 118 10.13 -23.06 -1.17
CA ASN A 118 10.35 -23.08 -2.62
C ASN A 118 9.27 -22.36 -3.41
N VAL A 119 8.79 -21.26 -2.84
CA VAL A 119 7.88 -20.35 -3.50
C VAL A 119 8.47 -19.83 -4.81
N ARG A 120 7.62 -19.65 -5.82
CA ARG A 120 8.09 -19.16 -7.14
C ARG A 120 8.53 -17.70 -7.10
N ARG A 121 7.74 -16.87 -6.44
CA ARG A 121 8.00 -15.44 -6.40
C ARG A 121 7.36 -14.81 -5.16
N VAL A 122 8.09 -13.85 -4.57
CA VAL A 122 7.55 -12.98 -3.53
C VAL A 122 7.39 -11.57 -4.10
N VAL A 123 6.19 -11.03 -3.92
CA VAL A 123 5.95 -9.61 -4.15
C VAL A 123 5.90 -8.89 -2.80
N PHE A 124 6.79 -7.91 -2.67
CA PHE A 124 6.93 -7.15 -1.43
C PHE A 124 6.33 -5.75 -1.61
N THR A 125 5.47 -5.38 -0.68
CA THR A 125 4.87 -4.05 -0.67
C THR A 125 5.81 -3.10 0.07
N SER A 126 6.48 -2.26 -0.70
CA SER A 126 7.29 -1.20 -0.16
C SER A 126 6.43 0.05 -0.15
N SER A 127 7.07 1.19 -0.39
CA SER A 127 6.43 2.48 -0.24
C SER A 127 7.26 3.57 -0.89
N ILE A 128 6.60 4.66 -1.23
CA ILE A 128 7.26 5.92 -1.61
C ILE A 128 8.27 6.38 -0.54
N GLY A 129 8.06 5.96 0.70
CA GLY A 129 9.00 6.23 1.79
C GLY A 129 10.41 5.70 1.52
N ALA A 130 10.52 4.65 0.71
CA ALA A 130 11.83 4.08 0.31
C ALA A 130 12.43 4.76 -0.93
N VAL A 131 11.78 5.80 -1.44
CA VAL A 131 12.10 6.40 -2.73
C VAL A 131 12.40 7.88 -2.64
N TYR A 132 11.58 8.63 -1.91
CA TYR A 132 11.54 10.09 -2.09
C TYR A 132 12.60 10.93 -1.38
N MET A 133 12.80 10.69 -0.09
CA MET A 133 13.59 11.61 0.72
C MET A 133 15.08 11.43 0.49
N ASP A 134 15.64 12.25 -0.39
CA ASP A 134 17.07 12.23 -0.65
C ASP A 134 17.55 13.64 -0.92
N PRO A 135 18.24 14.25 0.06
CA PRO A 135 18.66 15.66 0.01
C PRO A 135 19.67 15.92 -1.10
N ASN A 136 20.35 14.87 -1.55
CA ASN A 136 21.36 15.01 -2.59
C ASN A 136 20.79 14.79 -3.99
N ARG A 137 19.48 14.56 -4.09
CA ARG A 137 18.84 14.48 -5.39
C ARG A 137 18.28 15.84 -5.82
N ASP A 138 18.51 16.20 -7.07
CA ASP A 138 18.00 17.45 -7.63
C ASP A 138 16.47 17.46 -7.63
N PRO A 139 15.85 18.50 -7.04
CA PRO A 139 14.39 18.53 -6.90
C PRO A 139 13.63 18.49 -8.23
N GLU A 140 14.32 18.80 -9.32
CA GLU A 140 13.70 18.81 -10.64
C GLU A 140 13.85 17.46 -11.34
N THR A 141 14.65 16.57 -10.76
CA THR A 141 14.82 15.22 -11.30
C THR A 141 13.51 14.45 -11.17
N VAL A 142 13.12 13.77 -12.25
CA VAL A 142 11.90 12.96 -12.23
C VAL A 142 12.09 11.79 -11.27
N VAL A 143 11.15 11.65 -10.35
CA VAL A 143 11.20 10.58 -9.36
C VAL A 143 10.76 9.28 -10.01
N ASP A 144 11.60 8.25 -9.92
CA ASP A 144 11.27 6.97 -10.51
C ASP A 144 11.92 5.86 -9.69
N GLU A 145 11.91 4.64 -10.22
CA GLU A 145 12.37 3.48 -9.46
C GLU A 145 13.86 3.48 -9.16
N THR A 146 14.64 4.30 -9.86
CA THR A 146 16.07 4.39 -9.57
C THR A 146 16.32 5.22 -8.31
N CYS A 147 15.28 5.89 -7.83
CA CYS A 147 15.43 6.78 -6.68
C CYS A 147 15.23 6.02 -5.39
N TRP A 148 16.25 6.09 -4.53
CA TRP A 148 16.16 5.59 -3.17
C TRP A 148 16.24 6.74 -2.19
N SER A 149 15.49 6.62 -1.10
CA SER A 149 15.59 7.61 -0.05
C SER A 149 16.90 7.39 0.73
N ASP A 150 17.33 8.42 1.46
CA ASP A 150 18.59 8.44 2.19
C ASP A 150 18.33 8.17 3.67
N PRO A 151 18.70 6.98 4.16
CA PRO A 151 18.33 6.65 5.55
C PRO A 151 19.05 7.52 6.57
N ASP A 152 20.30 7.88 6.30
CA ASP A 152 21.02 8.75 7.23
C ASP A 152 20.26 10.06 7.38
N PHE A 153 19.81 10.60 6.26
CA PHE A 153 19.07 11.85 6.27
C PHE A 153 17.75 11.70 7.03
N CYS A 154 17.02 10.63 6.75
CA CYS A 154 15.72 10.43 7.42
C CYS A 154 15.88 10.21 8.93
N LYS A 155 16.93 9.50 9.31
CA LYS A 155 17.19 9.25 10.73
C LYS A 155 17.48 10.57 11.42
N ASN A 156 18.32 11.38 10.79
CA ASN A 156 18.73 12.65 11.39
C ASN A 156 17.60 13.67 11.51
N THR A 157 16.70 13.66 10.52
CA THR A 157 15.53 14.54 10.53
C THR A 157 14.31 13.90 11.20
N LYS A 158 14.52 12.76 11.86
CA LYS A 158 13.46 12.07 12.59
C LYS A 158 12.27 11.71 11.71
N ASN A 159 12.53 11.44 10.44
CA ASN A 159 11.49 10.95 9.56
C ASN A 159 11.51 9.43 9.63
N TRP A 160 10.91 8.89 10.68
CA TRP A 160 10.99 7.46 10.94
C TRP A 160 10.19 6.62 9.94
N TYR A 161 9.12 7.19 9.37
CA TYR A 161 8.40 6.48 8.31
C TYR A 161 9.33 6.18 7.15
N CYS A 162 10.01 7.20 6.64
CA CYS A 162 10.94 7.02 5.53
CA CYS A 162 10.92 7.01 5.52
C CYS A 162 12.07 6.09 5.93
N TYR A 163 12.63 6.28 7.11
CA TYR A 163 13.74 5.46 7.53
C TYR A 163 13.36 3.98 7.56
N GLY A 164 12.26 3.69 8.21
CA GLY A 164 11.79 2.33 8.34
C GLY A 164 11.43 1.69 7.01
N LYS A 165 10.77 2.45 6.15
CA LYS A 165 10.40 1.87 4.85
C LYS A 165 11.64 1.58 4.02
N MET A 166 12.61 2.48 4.03
CA MET A 166 13.81 2.28 3.26
C MET A 166 14.55 1.03 3.77
N VAL A 167 14.80 0.96 5.07
CA VAL A 167 15.61 -0.15 5.59
C VAL A 167 14.88 -1.50 5.44
N ALA A 168 13.56 -1.48 5.52
CA ALA A 168 12.78 -2.71 5.30
C ALA A 168 12.94 -3.20 3.85
N GLU A 169 12.84 -2.30 2.87
CA GLU A 169 13.00 -2.74 1.50
C GLU A 169 14.45 -3.17 1.24
N GLN A 170 15.39 -2.44 1.80
CA GLN A 170 16.80 -2.77 1.66
C GLN A 170 17.02 -4.19 2.17
N ALA A 171 16.45 -4.48 3.34
CA ALA A 171 16.53 -5.81 3.94
C ALA A 171 15.90 -6.88 3.08
N ALA A 172 14.76 -6.56 2.43
CA ALA A 172 14.08 -7.47 1.52
C ALA A 172 15.00 -7.91 0.38
N TRP A 173 15.61 -6.94 -0.31
CA TRP A 173 16.54 -7.26 -1.38
C TRP A 173 17.72 -8.11 -0.90
N GLU A 174 18.30 -7.71 0.23
CA GLU A 174 19.46 -8.42 0.75
C GLU A 174 19.11 -9.88 1.08
N GLU A 175 17.96 -10.08 1.71
CA GLU A 175 17.58 -11.43 2.12
C GLU A 175 17.21 -12.28 0.90
N ALA A 176 16.53 -11.69 -0.07
CA ALA A 176 16.15 -12.41 -1.29
C ALA A 176 17.36 -12.81 -2.11
N LYS A 177 18.34 -11.92 -2.23
CA LYS A 177 19.56 -12.25 -2.95
C LYS A 177 20.34 -13.33 -2.24
N GLU A 178 20.37 -13.25 -0.92
CA GLU A 178 21.09 -14.24 -0.14
C GLU A 178 20.48 -15.64 -0.25
N LYS A 179 19.15 -15.72 -0.23
CA LYS A 179 18.44 -17.00 -0.23
C LYS A 179 17.99 -17.43 -1.63
N GLY A 180 18.27 -16.61 -2.64
CA GLY A 180 17.93 -17.00 -4.01
C GLY A 180 16.44 -16.96 -4.34
N VAL A 181 15.75 -16.00 -3.73
CA VAL A 181 14.32 -15.83 -3.95
C VAL A 181 14.06 -14.77 -5.02
N ASP A 182 13.11 -15.05 -5.92
CA ASP A 182 12.69 -14.11 -6.96
C ASP A 182 11.78 -13.11 -6.25
N LEU A 183 12.29 -11.90 -6.05
CA LEU A 183 11.56 -10.84 -5.36
C LEU A 183 11.29 -9.71 -6.33
N VAL A 184 10.03 -9.26 -6.36
CA VAL A 184 9.62 -8.06 -7.05
C VAL A 184 8.98 -7.12 -6.03
N VAL A 185 9.24 -5.82 -6.18
CA VAL A 185 8.81 -4.81 -5.22
C VAL A 185 7.87 -3.80 -5.87
N ILE A 186 6.79 -3.48 -5.18
CA ILE A 186 5.90 -2.39 -5.58
C ILE A 186 5.99 -1.30 -4.52
N ASN A 187 6.00 -0.06 -4.98
CA ASN A 187 6.16 1.11 -4.14
C ASN A 187 4.93 2.01 -4.28
N PRO A 188 3.87 1.73 -3.53
CA PRO A 188 2.71 2.62 -3.57
C PRO A 188 2.96 3.94 -2.84
N VAL A 189 2.22 4.95 -3.26
CA VAL A 189 2.19 6.24 -2.61
C VAL A 189 1.01 6.27 -1.64
N LEU A 190 0.42 7.44 -1.38
CA LEU A 190 -0.73 7.48 -0.49
C LEU A 190 -1.92 6.88 -1.19
N VAL A 191 -2.45 5.81 -0.60
CA VAL A 191 -3.52 5.07 -1.22
C VAL A 191 -4.88 5.56 -0.73
N GLN A 192 -5.81 5.75 -1.66
CA GLN A 192 -7.19 6.08 -1.33
C GLN A 192 -8.09 5.13 -2.04
N GLY A 193 -9.36 5.07 -1.63
CA GLY A 193 -10.32 4.23 -2.30
C GLY A 193 -11.41 3.78 -1.38
N PRO A 194 -12.31 2.92 -1.88
CA PRO A 194 -13.42 2.46 -1.05
C PRO A 194 -12.99 1.48 0.01
N LEU A 195 -13.70 1.52 1.12
CA LEU A 195 -13.44 0.68 2.28
C LEU A 195 -14.17 -0.65 2.18
N LEU A 196 -13.49 -1.72 2.57
CA LEU A 196 -14.09 -3.04 2.69
C LEU A 196 -14.38 -3.31 4.15
N GLN A 197 -13.60 -2.63 4.99
CA GLN A 197 -13.64 -2.75 6.43
C GLN A 197 -14.75 -1.84 6.96
N THR A 198 -15.20 -2.08 8.17
CA THR A 198 -16.20 -1.21 8.79
C THR A 198 -15.54 0.08 9.28
N THR A 199 -14.27 -0.03 9.66
CA THR A 199 -13.51 1.07 10.24
C THR A 199 -12.74 1.83 9.15
N VAL A 200 -12.32 3.06 9.44
CA VAL A 200 -11.55 3.85 8.47
C VAL A 200 -10.07 3.68 8.71
N ASN A 201 -9.34 3.25 7.69
CA ASN A 201 -7.92 3.07 7.85
C ASN A 201 -7.21 4.40 7.80
N ALA A 202 -5.95 4.38 8.18
CA ALA A 202 -5.16 5.59 8.37
C ALA A 202 -5.04 6.45 7.12
N SER A 203 -4.98 5.84 5.95
CA SER A 203 -4.76 6.64 4.76
C SER A 203 -6.04 7.42 4.41
N VAL A 204 -7.19 6.79 4.56
CA VAL A 204 -8.44 7.44 4.22
C VAL A 204 -8.80 8.50 5.27
N LEU A 205 -8.28 8.36 6.49
CA LEU A 205 -8.48 9.41 7.49
C LEU A 205 -8.00 10.79 7.00
N HIS A 206 -6.97 10.79 6.16
CA HIS A 206 -6.43 12.00 5.54
C HIS A 206 -7.51 12.80 4.82
N ILE A 207 -8.47 12.11 4.23
CA ILE A 207 -9.57 12.75 3.50
C ILE A 207 -10.74 13.07 4.45
N LEU A 208 -11.02 12.17 5.37
CA LEU A 208 -12.13 12.36 6.29
C LEU A 208 -12.12 13.70 7.07
N LYS A 209 -10.94 14.15 7.52
CA LYS A 209 -10.83 15.39 8.29
C LYS A 209 -11.37 16.59 7.50
N TYR A 210 -11.25 16.54 6.18
CA TYR A 210 -11.74 17.65 5.38
C TYR A 210 -13.26 17.64 5.30
N LEU A 211 -13.83 16.44 5.25
CA LEU A 211 -15.25 16.29 4.98
C LEU A 211 -16.08 16.51 6.26
N THR A 212 -15.46 16.32 7.41
CA THR A 212 -16.17 16.56 8.65
C THR A 212 -16.05 18.00 9.12
N GLY A 213 -15.13 18.74 8.52
CA GLY A 213 -14.96 20.14 8.86
C GLY A 213 -14.03 20.31 10.04
N SER A 214 -13.42 19.22 10.47
CA SER A 214 -12.45 19.28 11.55
C SER A 214 -11.23 20.07 11.13
N ALA A 215 -10.75 19.84 9.90
CA ALA A 215 -9.71 20.68 9.33
C ALA A 215 -10.35 21.97 8.89
N LYS A 216 -9.97 23.09 9.50
CA LYS A 216 -10.52 24.39 9.13
C LYS A 216 -9.69 25.06 8.03
N THR A 217 -8.48 24.55 7.82
CA THR A 217 -7.61 24.97 6.75
C THR A 217 -6.91 23.75 6.13
N TYR A 218 -6.28 23.94 4.98
CA TYR A 218 -5.43 22.91 4.39
C TYR A 218 -3.97 23.35 4.42
N ALA A 219 -3.06 22.39 4.45
CA ALA A 219 -1.63 22.70 4.57
C ALA A 219 -1.00 22.99 3.22
N ASN A 220 0.12 23.73 3.25
CA ASN A 220 0.89 24.00 2.05
C ASN A 220 1.85 22.84 1.80
N SER A 221 1.37 21.80 1.14
CA SER A 221 2.23 20.67 0.84
C SER A 221 1.60 19.82 -0.25
N VAL A 222 2.41 18.95 -0.84
CA VAL A 222 1.96 18.09 -1.92
C VAL A 222 2.22 16.64 -1.53
N GLN A 223 1.49 15.72 -2.17
CA GLN A 223 1.66 14.29 -1.93
C GLN A 223 1.22 13.57 -3.20
N ALA A 224 1.77 12.38 -3.45
CA ALA A 224 1.31 11.53 -4.54
C ALA A 224 0.18 10.63 -4.05
N TYR A 225 -0.78 10.36 -4.93
CA TYR A 225 -1.97 9.58 -4.62
C TYR A 225 -2.13 8.45 -5.64
N VAL A 226 -2.77 7.36 -5.21
CA VAL A 226 -3.05 6.24 -6.09
C VAL A 226 -4.28 5.52 -5.55
N ASP A 227 -5.05 4.91 -6.46
CA ASP A 227 -6.21 4.13 -6.05
C ASP A 227 -5.85 2.74 -5.53
N VAL A 228 -6.49 2.35 -4.43
CA VAL A 228 -6.22 1.04 -3.81
C VAL A 228 -6.48 -0.15 -4.72
N LYS A 229 -7.48 -0.08 -5.59
CA LYS A 229 -7.73 -1.20 -6.51
C LYS A 229 -6.62 -1.31 -7.54
N ASP A 230 -6.09 -0.17 -8.00
CA ASP A 230 -4.94 -0.17 -8.92
C ASP A 230 -3.76 -0.86 -8.24
N VAL A 231 -3.54 -0.55 -6.97
CA VAL A 231 -2.42 -1.08 -6.22
C VAL A 231 -2.57 -2.60 -6.13
N ALA A 232 -3.77 -3.07 -5.78
CA ALA A 232 -4.00 -4.50 -5.71
C ALA A 232 -3.76 -5.19 -7.08
N LEU A 233 -4.34 -4.64 -8.15
CA LEU A 233 -4.15 -5.22 -9.45
C LEU A 233 -2.68 -5.23 -9.87
N ALA A 234 -1.96 -4.18 -9.49
CA ALA A 234 -0.54 -4.10 -9.77
C ALA A 234 0.23 -5.18 -9.06
N HIS A 235 -0.11 -5.48 -7.80
CA HIS A 235 0.53 -6.60 -7.11
C HIS A 235 0.35 -7.89 -7.90
N ILE A 236 -0.86 -8.16 -8.37
CA ILE A 236 -1.15 -9.37 -9.11
C ILE A 236 -0.38 -9.37 -10.44
N LEU A 237 -0.32 -8.23 -11.11
CA LEU A 237 0.41 -8.13 -12.37
C LEU A 237 1.88 -8.44 -12.20
N LEU A 238 2.46 -7.97 -11.09
CA LEU A 238 3.86 -8.20 -10.78
C LEU A 238 4.12 -9.66 -10.49
N TYR A 239 3.18 -10.32 -9.84
CA TYR A 239 3.29 -11.76 -9.57
C TYR A 239 3.18 -12.59 -10.85
N GLU A 240 2.19 -12.25 -11.68
CA GLU A 240 1.84 -13.06 -12.85
C GLU A 240 2.70 -12.84 -14.07
N THR A 241 3.43 -11.73 -14.12
CA THR A 241 4.22 -11.39 -15.33
C THR A 241 5.64 -11.93 -15.19
N PRO A 242 5.99 -12.98 -15.95
CA PRO A 242 7.28 -13.62 -15.71
C PRO A 242 8.45 -12.65 -15.78
N GLU A 243 8.40 -11.71 -16.72
CA GLU A 243 9.50 -10.78 -16.95
C GLU A 243 9.55 -9.61 -15.94
N ALA A 244 8.58 -9.52 -15.04
CA ALA A 244 8.62 -8.45 -14.05
C ALA A 244 9.88 -8.59 -13.21
N SER A 245 10.50 -7.47 -12.91
CA SER A 245 11.78 -7.45 -12.22
CA SER A 245 11.78 -7.46 -12.21
C SER A 245 12.00 -6.09 -11.58
N GLY A 246 12.63 -6.08 -10.40
CA GLY A 246 12.98 -4.84 -9.76
C GLY A 246 11.85 -4.23 -8.95
N ARG A 247 11.84 -2.89 -8.92
CA ARG A 247 10.83 -2.10 -8.21
C ARG A 247 9.90 -1.41 -9.19
N TYR A 248 8.71 -1.05 -8.71
CA TYR A 248 7.68 -0.43 -9.55
C TYR A 248 6.98 0.67 -8.75
N LEU A 249 7.12 1.91 -9.18
CA LEU A 249 6.46 3.01 -8.51
C LEU A 249 4.99 3.01 -8.90
N CYS A 250 4.10 3.03 -7.91
CA CYS A 250 2.68 2.92 -8.16
C CYS A 250 2.01 4.18 -7.66
N ALA A 251 1.83 5.14 -8.57
CA ALA A 251 1.34 6.47 -8.27
C ALA A 251 0.61 6.96 -9.49
N GLU A 252 -0.43 7.77 -9.31
CA GLU A 252 -1.18 8.31 -10.43
C GLU A 252 -1.02 9.83 -10.62
N SER A 253 -0.99 10.57 -9.52
CA SER A 253 -0.89 12.04 -9.57
C SER A 253 -0.25 12.57 -8.32
N VAL A 254 0.49 13.68 -8.46
CA VAL A 254 0.92 14.45 -7.31
C VAL A 254 0.06 15.72 -7.21
N LEU A 255 -0.58 15.89 -6.06
CA LEU A 255 -1.47 17.03 -5.84
C LEU A 255 -1.09 17.83 -4.59
N HIS A 256 -1.32 19.14 -4.66
CA HIS A 256 -1.27 19.99 -3.49
C HIS A 256 -2.53 19.70 -2.68
N ARG A 257 -2.48 19.86 -1.35
CA ARG A 257 -3.64 19.68 -0.49
C ARG A 257 -4.81 20.53 -0.99
N GLY A 258 -4.47 21.72 -1.45
CA GLY A 258 -5.42 22.64 -2.05
C GLY A 258 -6.14 22.09 -3.27
N ASP A 259 -5.44 21.28 -4.08
CA ASP A 259 -6.03 20.67 -5.27
C ASP A 259 -7.03 19.60 -4.80
N VAL A 260 -6.64 18.90 -3.74
CA VAL A 260 -7.47 17.85 -3.16
C VAL A 260 -8.76 18.44 -2.62
N VAL A 261 -8.68 19.49 -1.80
CA VAL A 261 -9.90 20.06 -1.25
C VAL A 261 -10.76 20.69 -2.34
N GLU A 262 -10.13 21.22 -3.38
CA GLU A 262 -10.88 21.75 -4.51
C GLU A 262 -11.71 20.63 -5.18
N ILE A 263 -11.07 19.49 -5.42
CA ILE A 263 -11.76 18.34 -5.98
C ILE A 263 -12.93 17.89 -5.10
N LEU A 264 -12.68 17.75 -3.79
CA LEU A 264 -13.75 17.35 -2.89
C LEU A 264 -14.91 18.34 -2.84
N SER A 265 -14.61 19.65 -2.80
CA SER A 265 -15.65 20.66 -2.72
C SER A 265 -16.53 20.72 -3.97
N LYS A 266 -15.92 20.51 -5.14
CA LYS A 266 -16.69 20.54 -6.38
C LYS A 266 -17.63 19.33 -6.47
N PHE A 267 -17.19 18.18 -5.97
CA PHE A 267 -18.04 16.99 -5.97
C PHE A 267 -19.05 17.01 -4.83
N PHE A 268 -18.66 17.56 -3.68
CA PHE A 268 -19.48 17.49 -2.47
C PHE A 268 -19.58 18.86 -1.81
N PRO A 269 -20.29 19.78 -2.45
CA PRO A 269 -20.43 21.15 -1.95
C PRO A 269 -21.14 21.21 -0.61
N GLU A 270 -21.81 20.13 -0.23
CA GLU A 270 -22.62 20.08 0.99
C GLU A 270 -21.79 19.90 2.28
N TYR A 271 -20.52 19.55 2.14
CA TYR A 271 -19.67 19.28 3.29
C TYR A 271 -18.81 20.48 3.64
N PRO A 272 -18.44 20.63 4.93
CA PRO A 272 -17.67 21.79 5.40
C PRO A 272 -16.17 21.68 5.15
N ILE A 273 -15.83 21.51 3.88
CA ILE A 273 -14.44 21.38 3.47
C ILE A 273 -13.73 22.72 3.51
N PRO A 274 -12.50 22.74 4.02
CA PRO A 274 -11.78 24.02 4.12
C PRO A 274 -11.48 24.62 2.74
N THR A 275 -11.43 25.94 2.67
CA THR A 275 -11.16 26.65 1.42
C THR A 275 -9.89 27.49 1.47
N LYS A 276 -9.27 27.59 2.64
CA LYS A 276 -8.11 28.46 2.79
C LYS A 276 -6.89 27.69 3.27
N CYS A 277 -5.71 28.09 2.79
CA CYS A 277 -4.47 27.45 3.18
C CYS A 277 -4.00 28.00 4.54
N SER A 278 -3.37 27.15 5.35
CA SER A 278 -2.94 27.57 6.68
C SER A 278 -1.72 28.49 6.58
N ASP A 279 -0.94 28.32 5.52
CA ASP A 279 0.26 29.11 5.29
C ASP A 279 0.02 30.17 4.21
N VAL A 280 -0.04 31.42 4.63
CA VAL A 280 -0.36 32.53 3.73
C VAL A 280 0.87 33.32 3.31
N THR A 281 2.03 32.94 3.87
CA THR A 281 3.26 33.70 3.69
C THR A 281 4.14 33.10 2.60
N LYS A 282 4.52 31.82 2.78
CA LYS A 282 5.39 31.16 1.82
C LYS A 282 4.61 30.75 0.57
N PRO A 283 5.31 30.64 -0.56
CA PRO A 283 4.64 30.31 -1.83
C PRO A 283 4.19 28.86 -1.88
N ARG A 284 3.15 28.58 -2.67
CA ARG A 284 2.60 27.25 -2.79
C ARG A 284 3.66 26.26 -3.24
N VAL A 285 3.81 25.17 -2.50
CA VAL A 285 4.74 24.11 -2.88
C VAL A 285 4.26 23.53 -4.21
N LYS A 286 5.22 23.23 -5.09
CA LYS A 286 4.89 22.72 -6.41
C LYS A 286 4.93 21.20 -6.39
N PRO A 287 3.98 20.56 -7.08
CA PRO A 287 4.03 19.10 -7.20
C PRO A 287 5.32 18.66 -7.87
N TYR A 288 5.95 17.61 -7.36
CA TYR A 288 7.15 17.10 -7.99
C TYR A 288 6.77 16.19 -9.16
N LYS A 289 7.74 15.98 -10.05
CA LYS A 289 7.51 15.12 -11.20
C LYS A 289 7.94 13.69 -10.89
N PHE A 290 7.22 12.73 -11.46
CA PHE A 290 7.49 11.32 -11.25
C PHE A 290 7.17 10.57 -12.53
N SER A 291 7.56 9.30 -12.59
CA SER A 291 7.17 8.44 -13.72
C SER A 291 6.59 7.10 -13.24
N ASN A 292 5.41 6.77 -13.74
CA ASN A 292 4.81 5.46 -13.51
C ASN A 292 4.89 4.63 -14.79
N GLN A 293 5.80 4.99 -15.67
CA GLN A 293 5.88 4.32 -16.96
C GLN A 293 6.22 2.85 -16.88
N LYS A 294 7.03 2.45 -15.90
CA LYS A 294 7.36 1.04 -15.79
C LYS A 294 6.13 0.16 -15.57
N LEU A 295 5.22 0.58 -14.70
CA LEU A 295 3.97 -0.15 -14.53
C LEU A 295 3.03 -0.02 -15.71
N LYS A 296 2.92 1.17 -16.29
CA LYS A 296 2.10 1.30 -17.49
C LYS A 296 2.58 0.35 -18.59
N ASP A 297 3.89 0.21 -18.72
CA ASP A 297 4.43 -0.64 -19.77
C ASP A 297 4.07 -2.11 -19.56
N LEU A 298 3.82 -2.52 -18.31
CA LEU A 298 3.30 -3.85 -18.06
C LEU A 298 1.81 -3.96 -18.32
N GLY A 299 1.16 -2.84 -18.61
CA GLY A 299 -0.25 -2.87 -18.98
C GLY A 299 -1.23 -2.35 -17.94
N LEU A 300 -0.71 -1.90 -16.79
CA LEU A 300 -1.59 -1.34 -15.79
C LEU A 300 -2.24 -0.06 -16.31
N GLU A 301 -3.54 0.06 -16.10
CA GLU A 301 -4.28 1.30 -16.33
C GLU A 301 -4.53 1.96 -14.98
N PHE A 302 -4.17 3.23 -14.86
CA PHE A 302 -4.36 3.92 -13.57
C PHE A 302 -5.70 4.68 -13.51
N THR A 303 -6.39 4.55 -12.40
CA THR A 303 -7.61 5.28 -12.09
C THR A 303 -7.30 6.73 -11.76
N PRO A 304 -7.93 7.67 -12.46
CA PRO A 304 -7.68 9.07 -12.16
C PRO A 304 -7.96 9.40 -10.68
N VAL A 305 -7.08 10.20 -10.10
CA VAL A 305 -7.23 10.58 -8.71
C VAL A 305 -8.62 11.18 -8.42
N LYS A 306 -9.21 11.92 -9.34
CA LYS A 306 -10.55 12.47 -9.08
C LYS A 306 -11.55 11.37 -8.85
N GLN A 307 -11.51 10.35 -9.69
CA GLN A 307 -12.43 9.22 -9.52
C GLN A 307 -12.19 8.50 -8.20
N CYS A 308 -10.92 8.33 -7.85
CA CYS A 308 -10.54 7.66 -6.65
C CYS A 308 -11.07 8.43 -5.45
N LEU A 309 -10.89 9.75 -5.42
CA LEU A 309 -11.42 10.53 -4.27
C LEU A 309 -12.94 10.47 -4.20
N TYR A 310 -13.58 10.54 -5.36
CA TYR A 310 -15.03 10.47 -5.41
C TYR A 310 -15.52 9.18 -4.76
N GLU A 311 -14.94 8.06 -5.18
CA GLU A 311 -15.33 6.73 -4.70
C GLU A 311 -15.02 6.57 -3.22
N THR A 312 -13.97 7.21 -2.75
CA THR A 312 -13.58 7.17 -1.35
C THR A 312 -14.69 7.82 -0.52
N VAL A 313 -15.18 8.96 -0.96
CA VAL A 313 -16.20 9.68 -0.21
C VAL A 313 -17.51 8.88 -0.23
N LYS A 314 -17.84 8.30 -1.38
CA LYS A 314 -19.10 7.60 -1.50
C LYS A 314 -19.07 6.41 -0.56
N SER A 315 -17.91 5.79 -0.42
CA SER A 315 -17.74 4.65 0.50
C SER A 315 -17.85 5.10 1.97
N LEU A 316 -17.25 6.23 2.31
CA LEU A 316 -17.39 6.78 3.67
C LEU A 316 -18.85 7.03 4.00
N GLN A 317 -19.62 7.52 3.02
CA GLN A 317 -21.05 7.68 3.20
C GLN A 317 -21.73 6.33 3.43
N GLU A 318 -21.41 5.35 2.57
CA GLU A 318 -22.07 4.06 2.63
C GLU A 318 -21.79 3.37 3.95
N LYS A 319 -20.59 3.57 4.50
CA LYS A 319 -20.17 2.89 5.73
C LYS A 319 -20.54 3.66 7.01
N GLY A 320 -21.25 4.77 6.83
CA GLY A 320 -21.82 5.55 7.93
C GLY A 320 -20.86 6.53 8.57
N HIS A 321 -19.77 6.87 7.87
CA HIS A 321 -18.78 7.80 8.41
C HIS A 321 -19.04 9.25 8.01
N LEU A 322 -19.95 9.46 7.06
CA LEU A 322 -20.40 10.79 6.67
C LEU A 322 -21.90 10.80 6.41
N PRO A 323 -22.56 11.91 6.73
CA PRO A 323 -24.00 11.92 6.48
C PRO A 323 -24.31 12.13 5.00
N ILE A 324 -25.45 11.61 4.56
CA ILE A 324 -25.91 11.80 3.22
C ILE A 324 -27.08 12.74 3.25
N PRO A 325 -26.87 14.01 2.87
CA PRO A 325 -28.00 14.92 2.69
C PRO A 325 -28.71 14.71 1.35
I1 I2I B . 8.34 10.04 2.97
I2 I2I B . 6.48 10.47 1.06
#